data_3W0C
#
_entry.id   3W0C
#
_cell.length_a   44.370
_cell.length_b   51.917
_cell.length_c   132.087
_cell.angle_alpha   90.00
_cell.angle_beta   90.00
_cell.angle_gamma   90.00
#
_symmetry.space_group_name_H-M   'P 21 21 21'
#
loop_
_entity.id
_entity.type
_entity.pdbx_description
1 polymer 'Vitamin D3 receptor'
2 non-polymer '(4S)-4-hydroxy-5-[2-methyl-4-(3-{3-methyl-4-[(1E)-4,4,4-trifluoro-3-hydroxy-3-(trifluoromethyl)but-1-en-1-yl]phenyl}pentan-3-yl)phenoxy]pentanoic acid'
3 water water
#
_entity_poly.entity_id   1
_entity_poly.type   'polypeptide(L)'
_entity_poly.pdbx_seq_one_letter_code
;LRPKLSEEQQRIIAILLDAHHKTYDPTYSDFCQFRPPVRVNDGGGSVTLELSQLSMLPHLADLVSYSIQKVIGFAKMIPG
FRDLTSEDQIVLLKSSAIEVIMLRSNESFTMDDMSWTCGNQDYKYRVSDVTKAGHSLELIEPLIKFQVGLKKLNLHEEEH
VLLMAICIVSPDRPGVQDAALIEAIQDRLSNTLQTYIRCRHPPPGSHLLYAKMIQKLADLRSLNEEHSKQYRCLSFQPEC
SMKLTPLVLEVFG
;
_entity_poly.pdbx_strand_id   A
#
# COMPACT_ATOMS: atom_id res chain seq x y z
N LEU A 1 -12.89 13.43 -26.92
CA LEU A 1 -14.19 13.44 -26.27
C LEU A 1 -14.06 13.40 -24.76
N ARG A 2 -14.80 14.27 -24.06
CA ARG A 2 -14.76 14.34 -22.60
C ARG A 2 -16.13 14.08 -21.98
N PRO A 3 -16.62 12.80 -21.93
CA PRO A 3 -17.94 12.57 -21.33
C PRO A 3 -17.95 12.96 -19.86
N LYS A 4 -19.09 13.44 -19.40
CA LYS A 4 -19.23 13.88 -18.02
C LYS A 4 -19.35 12.65 -17.15
N LEU A 5 -18.94 12.78 -15.89
CA LEU A 5 -19.08 11.72 -14.92
C LEU A 5 -20.57 11.46 -14.74
N SER A 6 -20.97 10.19 -14.79
CA SER A 6 -22.35 9.78 -14.58
C SER A 6 -22.69 9.91 -13.08
N GLU A 7 -23.99 9.80 -12.72
CA GLU A 7 -24.42 9.86 -11.31
C GLU A 7 -23.86 8.66 -10.54
N GLU A 8 -23.74 7.49 -11.21
CA GLU A 8 -23.15 6.29 -10.65
C GLU A 8 -21.65 6.56 -10.36
N GLN A 9 -20.91 7.16 -11.31
CA GLN A 9 -19.47 7.44 -11.18
C GLN A 9 -19.17 8.45 -10.08
N GLN A 10 -19.98 9.54 -9.99
CA GLN A 10 -19.91 10.56 -8.94
C GLN A 10 -20.17 9.89 -7.57
N ARG A 11 -21.14 8.96 -7.50
CA ARG A 11 -21.50 8.20 -6.30
C ARG A 11 -20.32 7.32 -5.88
N ILE A 12 -19.66 6.65 -6.84
CA ILE A 12 -18.49 5.78 -6.59
C ILE A 12 -17.35 6.61 -6.00
N ILE A 13 -17.09 7.80 -6.57
CA ILE A 13 -16.04 8.69 -6.09
C ILE A 13 -16.34 9.14 -4.64
N ALA A 14 -17.61 9.53 -4.37
CA ALA A 14 -18.04 9.98 -3.03
C ALA A 14 -17.85 8.87 -1.98
N ILE A 15 -18.26 7.65 -2.32
CA ILE A 15 -18.14 6.45 -1.47
C ILE A 15 -16.66 6.16 -1.14
N LEU A 16 -15.80 6.12 -2.18
CA LEU A 16 -14.37 5.87 -2.04
C LEU A 16 -13.68 6.97 -1.24
N LEU A 17 -14.10 8.24 -1.42
CA LEU A 17 -13.49 9.35 -0.66
C LEU A 17 -13.86 9.21 0.81
N ASP A 18 -15.14 8.93 1.07
CA ASP A 18 -15.64 8.73 2.43
C ASP A 18 -14.99 7.50 3.10
N ALA A 19 -14.75 6.45 2.31
CA ALA A 19 -14.08 5.22 2.77
C ALA A 19 -12.67 5.55 3.24
N HIS A 20 -11.93 6.32 2.44
CA HIS A 20 -10.58 6.73 2.79
C HIS A 20 -10.55 7.58 4.06
N HIS A 21 -11.47 8.57 4.17
CA HIS A 21 -11.54 9.46 5.34
C HIS A 21 -11.86 8.69 6.63
N LYS A 22 -12.59 7.60 6.52
CA LYS A 22 -12.94 6.75 7.66
C LYS A 22 -11.83 5.74 8.00
N THR A 23 -10.88 5.50 7.09
CA THR A 23 -9.86 4.44 7.32
C THR A 23 -8.43 4.91 7.32
N TYR A 24 -8.23 6.20 7.09
CA TYR A 24 -6.89 6.76 7.06
C TYR A 24 -6.82 7.91 8.03
N ASP A 25 -5.93 7.80 9.02
CA ASP A 25 -5.75 8.85 10.01
C ASP A 25 -4.50 9.67 9.64
N PRO A 26 -4.70 10.91 9.16
CA PRO A 26 -3.56 11.74 8.74
C PRO A 26 -2.81 12.35 9.91
N THR A 27 -3.23 12.07 11.15
CA THR A 27 -2.53 12.62 12.33
C THR A 27 -1.64 11.54 12.96
N TYR A 28 -1.77 10.28 12.51
CA TYR A 28 -0.94 9.15 12.99
C TYR A 28 -1.02 8.99 14.52
N SER A 29 -2.21 9.23 15.07
CA SER A 29 -2.47 9.25 16.51
C SER A 29 -2.40 7.88 17.19
N ASP A 30 -2.46 6.76 16.41
CA ASP A 30 -2.38 5.41 16.99
C ASP A 30 -0.97 4.85 17.11
N PHE A 31 0.00 5.48 16.43
CA PHE A 31 1.40 5.08 16.36
C PHE A 31 2.07 4.83 17.72
N CYS A 32 1.66 5.58 18.75
CA CYS A 32 2.18 5.41 20.11
C CYS A 32 1.74 4.06 20.72
N GLN A 33 0.73 3.39 20.14
CA GLN A 33 0.24 2.10 20.61
C GLN A 33 1.04 0.90 20.05
N PHE A 34 1.90 1.16 19.03
CA PHE A 34 2.72 0.10 18.43
C PHE A 34 3.90 -0.17 19.32
N ARG A 35 4.56 -1.34 19.13
CA ARG A 35 5.77 -1.65 19.90
C ARG A 35 6.77 -0.60 19.47
N PRO A 36 7.57 -0.07 20.41
CA PRO A 36 8.38 1.10 20.07
C PRO A 36 9.46 0.86 19.03
N PRO A 37 9.75 1.92 18.23
CA PRO A 37 10.88 1.82 17.30
C PRO A 37 12.18 1.76 18.10
N VAL A 38 13.13 0.95 17.65
CA VAL A 38 14.45 0.83 18.27
C VAL A 38 15.44 1.04 17.13
N ARG A 39 16.33 2.00 17.28
CA ARG A 39 17.29 2.27 16.20
C ARG A 39 18.74 2.04 16.70
N VAL A 40 19.27 0.82 16.47
CA VAL A 40 20.66 0.50 16.89
C VAL A 40 21.67 1.13 15.93
N ASN A 41 22.93 1.23 16.35
CA ASN A 41 24.00 1.78 15.52
C ASN A 41 24.27 0.79 14.39
N ASP A 42 24.08 1.23 13.13
CA ASP A 42 24.24 0.43 11.92
C ASP A 42 24.57 1.33 10.72
N GLY A 43 25.69 2.04 10.80
CA GLY A 43 26.14 2.94 9.75
C GLY A 43 26.54 2.22 8.48
N GLY A 44 27.10 1.02 8.63
CA GLY A 44 27.55 0.20 7.52
C GLY A 44 26.47 -0.54 6.75
N GLY A 45 25.26 -0.56 7.30
CA GLY A 45 24.16 -1.32 6.73
C GLY A 45 24.48 -2.80 6.77
N SER A 46 25.00 -3.27 7.94
CA SER A 46 25.43 -4.66 8.15
C SER A 46 24.28 -5.66 8.19
N VAL A 47 24.16 -6.54 7.15
CA VAL A 47 23.11 -7.59 7.06
C VAL A 47 23.12 -8.48 8.30
N THR A 48 24.33 -8.97 8.71
CA THR A 48 24.55 -9.81 9.89
C THR A 48 23.94 -9.13 11.13
N LEU A 49 24.34 -7.89 11.39
CA LEU A 49 23.85 -7.10 12.54
C LEU A 49 22.36 -6.86 12.45
N GLU A 50 21.86 -6.52 11.23
CA GLU A 50 20.42 -6.29 11.02
C GLU A 50 19.61 -7.53 11.36
N LEU A 51 20.03 -8.72 10.89
CA LEU A 51 19.32 -9.96 11.17
C LEU A 51 19.43 -10.35 12.65
N SER A 52 20.60 -10.06 13.26
CA SER A 52 20.87 -10.35 14.67
C SER A 52 19.93 -9.58 15.61
N GLN A 53 19.69 -8.30 15.32
CA GLN A 53 18.87 -7.44 16.17
C GLN A 53 17.42 -7.25 15.69
N LEU A 54 17.19 -7.07 14.37
CA LEU A 54 15.84 -6.80 13.80
C LEU A 54 15.12 -5.71 14.67
N SER A 55 15.90 -4.72 15.08
CA SER A 55 15.52 -3.68 16.04
C SER A 55 14.24 -2.92 15.67
N MET A 56 13.99 -2.72 14.36
CA MET A 56 12.82 -1.98 13.85
C MET A 56 11.70 -2.92 13.44
N LEU A 57 11.96 -4.25 13.47
CA LEU A 57 10.96 -5.20 13.05
C LEU A 57 9.66 -5.17 13.89
N PRO A 58 9.64 -5.18 15.26
CA PRO A 58 8.33 -5.13 15.98
C PRO A 58 7.51 -3.88 15.66
N HIS A 59 8.18 -2.70 15.56
CA HIS A 59 7.49 -1.45 15.24
C HIS A 59 6.96 -1.42 13.80
N LEU A 60 7.81 -1.78 12.81
CA LEU A 60 7.36 -1.81 11.41
C LEU A 60 6.35 -2.91 11.14
N ALA A 61 6.48 -4.10 11.78
CA ALA A 61 5.46 -5.16 11.63
C ALA A 61 4.11 -4.64 12.16
N ASP A 62 4.10 -3.94 13.35
CA ASP A 62 2.85 -3.39 13.92
C ASP A 62 2.23 -2.35 13.00
N LEU A 63 3.07 -1.48 12.41
CA LEU A 63 2.63 -0.45 11.47
C LEU A 63 2.02 -1.07 10.23
N VAL A 64 2.67 -2.12 9.67
CA VAL A 64 2.09 -2.77 8.47
C VAL A 64 0.79 -3.51 8.84
N SER A 65 0.78 -4.17 9.99
CA SER A 65 -0.39 -4.91 10.46
C SER A 65 -1.58 -3.95 10.61
N TYR A 66 -1.34 -2.78 11.25
CA TYR A 66 -2.33 -1.71 11.43
C TYR A 66 -2.83 -1.22 10.07
N SER A 67 -1.91 -0.98 9.13
CA SER A 67 -2.23 -0.52 7.79
C SER A 67 -3.08 -1.55 7.06
N ILE A 68 -2.79 -2.86 7.23
CA ILE A 68 -3.62 -3.92 6.61
C ILE A 68 -5.06 -3.89 7.15
N GLN A 69 -5.22 -3.65 8.47
CA GLN A 69 -6.58 -3.57 9.06
C GLN A 69 -7.38 -2.43 8.38
N LYS A 70 -6.74 -1.26 8.17
CA LYS A 70 -7.36 -0.10 7.50
C LYS A 70 -7.68 -0.45 6.02
N VAL A 71 -6.78 -1.18 5.34
CA VAL A 71 -6.98 -1.64 3.95
C VAL A 71 -8.19 -2.58 3.91
N ILE A 72 -8.31 -3.53 4.87
CA ILE A 72 -9.47 -4.44 4.90
C ILE A 72 -10.76 -3.57 5.00
N GLY A 73 -10.71 -2.61 5.93
CA GLY A 73 -11.83 -1.68 6.15
C GLY A 73 -12.19 -0.90 4.89
N PHE A 74 -11.16 -0.41 4.18
CA PHE A 74 -11.36 0.34 2.94
C PHE A 74 -12.04 -0.53 1.86
N ALA A 75 -11.46 -1.72 1.65
CA ALA A 75 -11.88 -2.67 0.60
C ALA A 75 -13.35 -3.06 0.74
N LYS A 76 -13.83 -3.22 1.98
CA LYS A 76 -15.21 -3.56 2.32
C LYS A 76 -16.17 -2.49 1.80
N MET A 77 -15.71 -1.24 1.70
CA MET A 77 -16.50 -0.11 1.22
C MET A 77 -16.35 0.15 -0.28
N ILE A 78 -15.53 -0.65 -1.01
CA ILE A 78 -15.39 -0.45 -2.46
C ILE A 78 -16.70 -0.92 -3.14
N PRO A 79 -17.37 -0.05 -3.96
CA PRO A 79 -18.60 -0.50 -4.66
C PRO A 79 -18.38 -1.80 -5.42
N GLY A 80 -19.06 -2.84 -4.98
CA GLY A 80 -18.99 -4.15 -5.63
C GLY A 80 -18.18 -5.20 -4.91
N PHE A 81 -17.18 -4.77 -4.08
CA PHE A 81 -16.32 -5.71 -3.35
C PHE A 81 -17.11 -6.73 -2.54
N ARG A 82 -18.18 -6.27 -1.90
CA ARG A 82 -19.06 -7.12 -1.08
C ARG A 82 -19.89 -8.13 -1.94
N ASP A 83 -19.99 -7.93 -3.28
CA ASP A 83 -20.69 -8.87 -4.19
C ASP A 83 -19.83 -10.12 -4.48
N LEU A 84 -18.52 -10.03 -4.18
CA LEU A 84 -17.58 -11.13 -4.38
C LEU A 84 -17.71 -12.16 -3.29
N THR A 85 -17.34 -13.43 -3.58
CA THR A 85 -17.33 -14.49 -2.56
C THR A 85 -16.24 -14.13 -1.54
N SER A 86 -16.40 -14.59 -0.28
CA SER A 86 -15.44 -14.31 0.80
C SER A 86 -14.08 -14.92 0.51
N GLU A 87 -14.04 -16.00 -0.30
CA GLU A 87 -12.81 -16.66 -0.72
C GLU A 87 -12.03 -15.70 -1.66
N ASP A 88 -12.72 -15.07 -2.62
CA ASP A 88 -12.12 -14.12 -3.57
C ASP A 88 -11.72 -12.82 -2.87
N GLN A 89 -12.58 -12.31 -1.96
CA GLN A 89 -12.32 -11.10 -1.17
C GLN A 89 -10.99 -11.24 -0.41
N ILE A 90 -10.75 -12.42 0.19
CA ILE A 90 -9.52 -12.68 0.96
C ILE A 90 -8.31 -12.87 0.03
N VAL A 91 -8.47 -13.54 -1.13
CA VAL A 91 -7.38 -13.73 -2.09
C VAL A 91 -6.90 -12.33 -2.55
N LEU A 92 -7.87 -11.44 -2.93
CA LEU A 92 -7.63 -10.07 -3.38
C LEU A 92 -6.92 -9.24 -2.31
N LEU A 93 -7.39 -9.35 -1.06
CA LEU A 93 -6.81 -8.64 0.08
C LEU A 93 -5.39 -9.10 0.39
N LYS A 94 -5.17 -10.42 0.38
CA LYS A 94 -3.85 -10.99 0.64
C LYS A 94 -2.84 -10.67 -0.43
N SER A 95 -3.24 -10.82 -1.71
CA SER A 95 -2.30 -10.59 -2.81
C SER A 95 -1.91 -9.12 -3.01
N SER A 96 -2.82 -8.20 -2.67
CA SER A 96 -2.60 -6.77 -2.84
C SER A 96 -2.10 -6.03 -1.63
N ALA A 97 -2.16 -6.65 -0.42
CA ALA A 97 -1.81 -6.02 0.84
C ALA A 97 -0.57 -5.10 0.78
N ILE A 98 0.61 -5.63 0.46
CA ILE A 98 1.82 -4.80 0.45
C ILE A 98 1.77 -3.68 -0.63
N GLU A 99 1.09 -3.93 -1.76
CA GLU A 99 1.00 -2.92 -2.81
C GLU A 99 0.16 -1.72 -2.36
N VAL A 100 -0.99 -1.99 -1.73
CA VAL A 100 -1.91 -0.94 -1.25
C VAL A 100 -1.22 -0.19 -0.11
N ILE A 101 -0.44 -0.90 0.70
CA ILE A 101 0.34 -0.26 1.78
C ILE A 101 1.37 0.70 1.16
N MET A 102 2.05 0.26 0.09
CA MET A 102 3.01 1.12 -0.62
C MET A 102 2.32 2.38 -1.18
N LEU A 103 1.15 2.23 -1.84
CA LEU A 103 0.35 3.37 -2.31
C LEU A 103 -0.09 4.30 -1.19
N ARG A 104 -0.77 3.78 -0.14
CA ARG A 104 -1.30 4.64 0.92
C ARG A 104 -0.22 5.31 1.73
N SER A 105 0.97 4.69 1.86
CA SER A 105 2.13 5.29 2.58
C SER A 105 2.61 6.56 1.85
N ASN A 106 2.24 6.73 0.55
CA ASN A 106 2.65 7.93 -0.21
C ASN A 106 2.15 9.25 0.39
N GLU A 107 0.99 9.21 1.07
CA GLU A 107 0.37 10.37 1.71
C GLU A 107 1.29 10.92 2.80
N SER A 108 2.01 10.04 3.52
CA SER A 108 2.92 10.48 4.59
C SER A 108 4.33 10.72 4.05
N PHE A 109 4.60 10.25 2.83
CA PHE A 109 5.92 10.40 2.20
C PHE A 109 6.19 11.85 1.88
N THR A 110 7.43 12.27 2.07
CA THR A 110 7.83 13.63 1.77
C THR A 110 9.12 13.68 0.96
N MET A 111 9.10 14.44 -0.15
CA MET A 111 10.30 14.64 -0.96
C MET A 111 11.27 15.63 -0.34
N ASP A 112 10.87 16.33 0.73
CA ASP A 112 11.78 17.25 1.42
C ASP A 112 13.06 16.53 1.87
N ASP A 113 12.94 15.30 2.41
CA ASP A 113 14.09 14.52 2.85
C ASP A 113 14.01 13.02 2.52
N MET A 114 13.08 12.65 1.61
CA MET A 114 12.88 11.26 1.20
C MET A 114 12.56 10.35 2.39
N SER A 115 11.62 10.78 3.21
CA SER A 115 11.18 10.03 4.38
C SER A 115 9.65 9.85 4.40
N TRP A 116 9.19 8.93 5.25
CA TRP A 116 7.78 8.78 5.55
C TRP A 116 7.68 9.44 6.92
N THR A 117 7.13 10.68 7.00
CA THR A 117 7.00 11.43 8.26
C THR A 117 5.59 11.29 8.81
N CYS A 118 5.47 10.51 9.88
CA CYS A 118 4.22 10.19 10.55
C CYS A 118 4.15 10.79 11.94
N GLY A 119 4.46 12.07 12.03
CA GLY A 119 4.38 12.81 13.28
C GLY A 119 5.75 13.27 13.72
N ASN A 120 6.11 12.93 14.95
CA ASN A 120 7.40 13.35 15.48
C ASN A 120 8.55 12.50 14.94
N GLN A 121 9.78 12.86 15.32
CA GLN A 121 11.03 12.21 14.93
C GLN A 121 11.03 10.71 15.14
N ASP A 122 10.34 10.21 16.18
CA ASP A 122 10.26 8.77 16.48
C ASP A 122 9.55 8.05 15.36
N TYR A 123 8.52 8.68 14.76
CA TYR A 123 7.74 8.07 13.67
C TYR A 123 8.11 8.66 12.31
N LYS A 124 9.40 9.00 12.12
CA LYS A 124 9.91 9.45 10.84
C LYS A 124 10.75 8.29 10.31
N TYR A 125 10.32 7.67 9.21
CA TYR A 125 11.01 6.49 8.69
C TYR A 125 11.79 6.77 7.43
N ARG A 126 12.96 6.15 7.33
CA ARG A 126 13.80 6.29 6.15
C ARG A 126 14.27 4.89 5.75
N VAL A 127 15.07 4.80 4.66
CA VAL A 127 15.70 3.60 4.08
C VAL A 127 16.37 2.79 5.21
N SER A 128 17.18 3.47 6.06
CA SER A 128 17.89 2.85 7.17
C SER A 128 16.95 2.13 8.16
N ASP A 129 15.68 2.59 8.33
CA ASP A 129 14.72 1.92 9.21
C ASP A 129 14.19 0.64 8.57
N VAL A 130 14.01 0.62 7.25
CA VAL A 130 13.49 -0.57 6.57
C VAL A 130 14.58 -1.67 6.57
N THR A 131 15.86 -1.28 6.46
CA THR A 131 17.01 -2.21 6.52
C THR A 131 17.13 -2.76 7.96
N LYS A 132 16.78 -1.94 8.98
CA LYS A 132 16.81 -2.35 10.40
C LYS A 132 15.68 -3.33 10.74
N ALA A 133 14.72 -3.54 9.80
CA ALA A 133 13.67 -4.54 9.98
C ALA A 133 14.02 -5.81 9.19
N GLY A 134 15.24 -5.86 8.64
CA GLY A 134 15.76 -7.03 7.92
C GLY A 134 15.59 -7.03 6.42
N HIS A 135 15.10 -5.90 5.84
CA HIS A 135 14.93 -5.78 4.39
C HIS A 135 16.22 -5.32 3.73
N SER A 136 16.37 -5.56 2.44
CA SER A 136 17.60 -5.19 1.72
C SER A 136 17.37 -4.15 0.63
N LEU A 137 18.47 -3.56 0.12
CA LEU A 137 18.49 -2.51 -0.91
C LEU A 137 17.75 -2.87 -2.20
N GLU A 138 17.71 -4.17 -2.59
CA GLU A 138 16.94 -4.58 -3.79
C GLU A 138 15.46 -4.21 -3.68
N LEU A 139 14.97 -4.03 -2.43
CA LEU A 139 13.58 -3.62 -2.21
C LEU A 139 13.49 -2.12 -1.94
N ILE A 140 14.28 -1.61 -0.99
CA ILE A 140 14.15 -0.21 -0.56
C ILE A 140 14.48 0.83 -1.65
N GLU A 141 15.50 0.60 -2.46
CA GLU A 141 15.87 1.58 -3.47
C GLU A 141 14.80 1.69 -4.57
N PRO A 142 14.24 0.62 -5.20
CA PRO A 142 13.10 0.85 -6.11
C PRO A 142 11.85 1.34 -5.37
N LEU A 143 11.74 1.03 -4.04
CA LEU A 143 10.58 1.51 -3.27
C LEU A 143 10.58 3.03 -3.19
N ILE A 144 11.76 3.64 -2.92
CA ILE A 144 11.91 5.10 -2.84
C ILE A 144 11.66 5.74 -4.20
N LYS A 145 12.14 5.08 -5.27
CA LYS A 145 11.94 5.55 -6.65
C LYS A 145 10.43 5.62 -6.93
N PHE A 146 9.69 4.57 -6.46
CA PHE A 146 8.25 4.47 -6.64
C PHE A 146 7.53 5.60 -5.91
N GLN A 147 7.93 5.88 -4.64
CA GLN A 147 7.35 6.95 -3.82
C GLN A 147 7.52 8.30 -4.48
N VAL A 148 8.72 8.59 -5.00
CA VAL A 148 8.97 9.87 -5.68
C VAL A 148 8.15 9.98 -6.95
N GLY A 149 8.19 8.95 -7.80
CA GLY A 149 7.42 8.91 -9.05
C GLY A 149 5.93 9.11 -8.82
N LEU A 150 5.39 8.43 -7.78
CA LEU A 150 3.98 8.57 -7.42
C LEU A 150 3.69 9.97 -6.87
N LYS A 151 4.57 10.49 -6.00
CA LYS A 151 4.42 11.82 -5.41
C LYS A 151 4.38 12.89 -6.51
N LYS A 152 5.24 12.73 -7.55
CA LYS A 152 5.33 13.67 -8.67
C LYS A 152 4.08 13.67 -9.57
N LEU A 153 3.20 12.63 -9.47
CA LEU A 153 1.95 12.67 -10.27
C LEU A 153 0.95 13.67 -9.70
N ASN A 154 1.20 14.14 -8.44
CA ASN A 154 0.37 15.11 -7.72
C ASN A 154 -1.10 14.71 -7.84
N LEU A 155 -1.38 13.46 -7.48
CA LEU A 155 -2.75 12.92 -7.61
C LEU A 155 -3.76 13.66 -6.76
N HIS A 156 -4.97 13.87 -7.29
CA HIS A 156 -6.07 14.42 -6.51
C HIS A 156 -6.47 13.25 -5.58
N GLU A 157 -7.05 13.53 -4.40
CA GLU A 157 -7.52 12.45 -3.52
C GLU A 157 -8.44 11.47 -4.25
N GLU A 158 -9.28 11.98 -5.19
CA GLU A 158 -10.18 11.16 -5.99
C GLU A 158 -9.41 10.07 -6.78
N GLU A 159 -8.29 10.46 -7.39
CA GLU A 159 -7.45 9.55 -8.18
C GLU A 159 -6.71 8.55 -7.27
N HIS A 160 -6.25 9.01 -6.12
CA HIS A 160 -5.51 8.21 -5.15
C HIS A 160 -6.40 7.06 -4.66
N VAL A 161 -7.67 7.38 -4.32
CA VAL A 161 -8.62 6.39 -3.78
C VAL A 161 -9.06 5.43 -4.87
N LEU A 162 -9.22 5.94 -6.11
CA LEU A 162 -9.57 5.04 -7.21
C LEU A 162 -8.39 4.11 -7.49
N LEU A 163 -7.15 4.63 -7.49
CA LEU A 163 -5.96 3.81 -7.74
C LEU A 163 -5.84 2.66 -6.76
N MET A 164 -6.07 2.93 -5.46
CA MET A 164 -6.05 1.90 -4.42
C MET A 164 -7.13 0.85 -4.67
N ALA A 165 -8.34 1.32 -5.00
CA ALA A 165 -9.50 0.45 -5.26
C ALA A 165 -9.21 -0.45 -6.46
N ILE A 166 -8.63 0.10 -7.56
CA ILE A 166 -8.28 -0.67 -8.76
C ILE A 166 -7.19 -1.72 -8.43
N CYS A 167 -6.20 -1.33 -7.61
CA CYS A 167 -5.14 -2.23 -7.16
C CYS A 167 -5.74 -3.46 -6.47
N ILE A 168 -6.62 -3.25 -5.51
CA ILE A 168 -7.30 -4.29 -4.71
C ILE A 168 -8.12 -5.23 -5.60
N VAL A 169 -9.04 -4.67 -6.39
CA VAL A 169 -9.96 -5.43 -7.24
C VAL A 169 -9.25 -5.78 -8.57
N SER A 170 -8.25 -6.67 -8.52
CA SER A 170 -7.48 -7.02 -9.72
C SER A 170 -7.78 -8.45 -10.16
N PRO A 171 -8.28 -8.68 -11.41
CA PRO A 171 -8.64 -10.06 -11.78
C PRO A 171 -7.46 -10.98 -11.98
N ASP A 172 -6.27 -10.41 -12.23
CA ASP A 172 -5.03 -11.15 -12.47
C ASP A 172 -4.20 -11.36 -11.18
N ARG A 173 -4.82 -12.02 -10.20
CA ARG A 173 -4.16 -12.42 -8.96
C ARG A 173 -4.30 -13.94 -8.93
N PRO A 174 -3.23 -14.69 -8.53
CA PRO A 174 -3.33 -16.16 -8.42
C PRO A 174 -4.34 -16.62 -7.36
N GLY A 175 -5.17 -17.58 -7.71
CA GLY A 175 -6.19 -18.13 -6.83
C GLY A 175 -7.58 -17.54 -6.93
N VAL A 176 -7.80 -16.51 -7.77
CA VAL A 176 -9.17 -15.96 -7.88
C VAL A 176 -10.07 -16.95 -8.63
N GLN A 177 -11.34 -17.03 -8.22
CA GLN A 177 -12.28 -17.94 -8.87
C GLN A 177 -13.14 -17.23 -9.88
N ASP A 178 -13.75 -16.09 -9.53
CA ASP A 178 -14.60 -15.35 -10.46
C ASP A 178 -13.88 -14.14 -11.04
N ALA A 179 -12.91 -14.38 -11.94
CA ALA A 179 -12.13 -13.31 -12.57
C ALA A 179 -13.02 -12.35 -13.33
N ALA A 180 -14.08 -12.87 -14.00
CA ALA A 180 -15.02 -12.06 -14.78
C ALA A 180 -15.76 -11.03 -13.92
N LEU A 181 -16.20 -11.40 -12.70
CA LEU A 181 -16.88 -10.47 -11.78
C LEU A 181 -15.88 -9.41 -11.28
N ILE A 182 -14.65 -9.83 -10.94
CA ILE A 182 -13.58 -8.93 -10.44
C ILE A 182 -13.22 -7.91 -11.51
N GLU A 183 -13.10 -8.38 -12.78
CA GLU A 183 -12.81 -7.55 -13.95
C GLU A 183 -13.93 -6.51 -14.17
N ALA A 184 -15.22 -6.91 -14.03
CA ALA A 184 -16.38 -6.03 -14.20
C ALA A 184 -16.36 -4.92 -13.11
N ILE A 185 -16.02 -5.28 -11.86
CA ILE A 185 -15.92 -4.29 -10.77
C ILE A 185 -14.72 -3.37 -11.09
N GLN A 186 -13.55 -3.95 -11.45
CA GLN A 186 -12.36 -3.14 -11.79
C GLN A 186 -12.59 -2.18 -12.97
N ASP A 187 -13.28 -2.63 -14.03
CA ASP A 187 -13.61 -1.79 -15.19
C ASP A 187 -14.49 -0.63 -14.80
N ARG A 188 -15.46 -0.86 -13.88
CA ARG A 188 -16.36 0.18 -13.38
C ARG A 188 -15.53 1.27 -12.68
N LEU A 189 -14.48 0.85 -11.93
CA LEU A 189 -13.55 1.76 -11.23
C LEU A 189 -12.57 2.42 -12.22
N SER A 190 -12.02 1.66 -13.19
CA SER A 190 -11.05 2.15 -14.18
C SER A 190 -11.67 3.22 -15.08
N ASN A 191 -12.94 3.00 -15.49
CA ASN A 191 -13.67 3.95 -16.33
C ASN A 191 -13.97 5.21 -15.57
N THR A 192 -14.33 5.09 -14.26
CA THR A 192 -14.58 6.24 -13.39
C THR A 192 -13.31 7.11 -13.35
N LEU A 193 -12.13 6.45 -13.17
CA LEU A 193 -10.82 7.13 -13.11
C LEU A 193 -10.47 7.85 -14.42
N GLN A 194 -10.59 7.16 -15.57
CA GLN A 194 -10.29 7.76 -16.89
C GLN A 194 -11.15 8.99 -17.15
N THR A 195 -12.48 8.86 -16.95
CA THR A 195 -13.48 9.92 -17.10
C THR A 195 -13.14 11.06 -16.15
N TYR A 196 -12.87 10.75 -14.85
CA TYR A 196 -12.49 11.79 -13.89
C TYR A 196 -11.26 12.56 -14.36
N ILE A 197 -10.18 11.87 -14.80
CA ILE A 197 -8.95 12.55 -15.25
C ILE A 197 -9.26 13.53 -16.41
N ARG A 198 -9.95 13.02 -17.42
CA ARG A 198 -10.32 13.78 -18.63
C ARG A 198 -11.15 15.04 -18.35
N CYS A 199 -12.12 14.96 -17.42
CA CYS A 199 -12.99 16.09 -17.16
C CYS A 199 -12.65 16.90 -15.90
N ARG A 200 -11.70 16.45 -15.02
CA ARG A 200 -11.39 17.20 -13.79
C ARG A 200 -9.92 17.54 -13.55
N HIS A 201 -9.00 16.87 -14.24
CA HIS A 201 -7.58 17.11 -14.00
C HIS A 201 -7.06 18.15 -15.00
N PRO A 202 -6.63 19.35 -14.54
CA PRO A 202 -6.20 20.38 -15.49
C PRO A 202 -4.83 20.12 -16.11
N PRO A 203 -4.54 20.64 -17.34
CA PRO A 203 -3.21 20.43 -17.94
C PRO A 203 -2.15 21.26 -17.20
N PRO A 204 -0.84 20.91 -17.20
CA PRO A 204 -0.18 19.79 -17.90
C PRO A 204 -0.27 18.45 -17.17
N LEU A 208 -1.75 12.01 -20.31
CA LEU A 208 -1.06 10.72 -20.15
C LEU A 208 -1.09 10.25 -18.69
N LEU A 209 -1.79 10.99 -17.80
CA LEU A 209 -1.87 10.62 -16.38
C LEU A 209 -2.43 9.22 -16.15
N TYR A 210 -3.50 8.80 -16.88
CA TYR A 210 -4.05 7.47 -16.69
C TYR A 210 -3.05 6.36 -17.00
N ALA A 211 -2.25 6.51 -18.08
CA ALA A 211 -1.20 5.57 -18.47
C ALA A 211 -0.07 5.56 -17.42
N LYS A 212 0.23 6.72 -16.81
CA LYS A 212 1.28 6.78 -15.78
C LYS A 212 0.81 6.05 -14.52
N MET A 213 -0.48 6.19 -14.18
CA MET A 213 -1.09 5.51 -13.02
C MET A 213 -1.10 3.99 -13.20
N ILE A 214 -1.44 3.53 -14.42
CA ILE A 214 -1.44 2.10 -14.79
C ILE A 214 -0.02 1.54 -14.74
N GLN A 215 1.00 2.35 -15.12
CA GLN A 215 2.41 1.95 -15.02
C GLN A 215 2.81 1.76 -13.55
N LYS A 216 2.28 2.60 -12.64
CA LYS A 216 2.55 2.49 -11.19
C LYS A 216 1.98 1.16 -10.65
N LEU A 217 0.86 0.69 -11.21
CA LEU A 217 0.26 -0.58 -10.84
C LEU A 217 1.17 -1.75 -11.25
N ALA A 218 1.82 -1.65 -12.44
CA ALA A 218 2.76 -2.68 -12.92
C ALA A 218 4.03 -2.63 -12.04
N ASP A 219 4.50 -1.41 -11.68
CA ASP A 219 5.66 -1.25 -10.80
C ASP A 219 5.39 -1.93 -9.45
N LEU A 220 4.12 -1.83 -8.96
CA LEU A 220 3.73 -2.40 -7.68
C LEU A 220 3.87 -3.92 -7.68
N ARG A 221 3.63 -4.56 -8.84
CA ARG A 221 3.75 -6.01 -8.98
C ARG A 221 5.18 -6.46 -8.72
N SER A 222 6.17 -5.76 -9.31
CA SER A 222 7.59 -6.08 -9.15
C SER A 222 7.97 -5.88 -7.69
N LEU A 223 7.47 -4.81 -7.05
CA LEU A 223 7.79 -4.52 -5.66
C LEU A 223 7.21 -5.57 -4.73
N ASN A 224 6.01 -6.05 -5.05
CA ASN A 224 5.31 -7.08 -4.31
C ASN A 224 6.15 -8.39 -4.35
N GLU A 225 6.63 -8.79 -5.54
CA GLU A 225 7.47 -10.00 -5.71
C GLU A 225 8.79 -9.88 -4.92
N GLU A 226 9.44 -8.71 -4.96
CA GLU A 226 10.68 -8.49 -4.21
C GLU A 226 10.40 -8.55 -2.70
N HIS A 227 9.30 -7.93 -2.25
CA HIS A 227 8.93 -7.95 -0.84
C HIS A 227 8.69 -9.36 -0.31
N SER A 228 7.96 -10.19 -1.09
CA SER A 228 7.64 -11.59 -0.75
C SER A 228 8.93 -12.44 -0.62
N LYS A 229 9.91 -12.24 -1.50
CA LYS A 229 11.20 -12.92 -1.52
C LYS A 229 11.99 -12.53 -0.26
N GLN A 230 11.93 -11.24 0.08
CA GLN A 230 12.63 -10.70 1.25
C GLN A 230 11.96 -11.14 2.54
N TYR A 231 10.63 -11.21 2.54
CA TYR A 231 9.86 -11.66 3.71
C TYR A 231 10.23 -13.14 3.99
N ARG A 232 10.34 -13.93 2.91
CA ARG A 232 10.73 -15.33 2.95
C ARG A 232 12.06 -15.48 3.70
N CYS A 233 13.11 -14.72 3.31
CA CYS A 233 14.44 -14.70 3.95
C CYS A 233 14.36 -14.30 5.42
N LEU A 234 13.65 -13.18 5.69
CA LEU A 234 13.48 -12.64 7.04
C LEU A 234 12.79 -13.67 7.93
N SER A 235 11.83 -14.43 7.39
CA SER A 235 11.13 -15.46 8.16
C SER A 235 12.03 -16.66 8.53
N PHE A 236 13.23 -16.80 7.89
CA PHE A 236 14.14 -17.91 8.25
C PHE A 236 14.93 -17.56 9.51
N GLN A 237 14.87 -16.29 9.95
CA GLN A 237 15.59 -15.84 11.14
C GLN A 237 14.94 -16.47 12.38
N PRO A 238 15.67 -17.29 13.15
CA PRO A 238 15.05 -17.90 14.33
C PRO A 238 14.39 -16.85 15.23
N GLU A 239 13.18 -17.18 15.72
CA GLU A 239 12.36 -16.39 16.66
C GLU A 239 11.85 -15.05 16.07
N CYS A 240 11.75 -14.97 14.73
CA CYS A 240 11.25 -13.82 14.00
C CYS A 240 9.72 -13.67 14.18
N SER A 241 9.00 -14.79 14.29
CA SER A 241 7.54 -14.83 14.43
C SER A 241 7.00 -13.99 15.60
N MET A 242 7.72 -13.95 16.74
CA MET A 242 7.35 -13.15 17.92
C MET A 242 7.45 -11.65 17.61
N LYS A 243 8.33 -11.28 16.64
CA LYS A 243 8.53 -9.89 16.25
C LYS A 243 7.50 -9.44 15.21
N LEU A 244 6.72 -10.38 14.66
CA LEU A 244 5.69 -10.05 13.68
C LEU A 244 4.33 -10.02 14.35
N THR A 245 3.24 -10.25 13.62
CA THR A 245 1.89 -10.23 14.21
C THR A 245 1.11 -11.34 13.57
N PRO A 246 0.03 -11.88 14.20
CA PRO A 246 -0.75 -12.94 13.52
C PRO A 246 -1.21 -12.55 12.12
N LEU A 247 -1.62 -11.29 11.91
CA LEU A 247 -2.10 -10.83 10.62
C LEU A 247 -1.01 -10.83 9.56
N VAL A 248 0.18 -10.29 9.91
CA VAL A 248 1.34 -10.25 9.02
C VAL A 248 1.74 -11.69 8.64
N LEU A 249 1.77 -12.59 9.63
CA LEU A 249 2.11 -14.01 9.42
C LEU A 249 1.18 -14.72 8.45
N GLU A 250 -0.12 -14.42 8.52
CA GLU A 250 -1.09 -15.02 7.62
C GLU A 250 -1.01 -14.38 6.23
N VAL A 251 -0.89 -13.04 6.14
CA VAL A 251 -0.88 -12.36 4.83
C VAL A 251 0.35 -12.70 4.00
N PHE A 252 1.52 -12.68 4.63
CA PHE A 252 2.80 -12.88 3.97
C PHE A 252 3.35 -14.30 4.07
N GLY A 253 2.79 -15.11 4.97
CA GLY A 253 3.18 -16.53 5.17
C GLY A 253 2.85 -17.44 3.98
#